data_5VD0
#
_entry.id   5VD0
#
_cell.length_a   46.780
_cell.length_b   53.870
_cell.length_c   113.620
_cell.angle_alpha   90.000
_cell.angle_beta   90.000
_cell.angle_gamma   90.000
#
_symmetry.space_group_name_H-M   'P 21 21 21'
#
loop_
_entity.id
_entity.type
_entity.pdbx_description
1 polymer 'Membrane-associated tyrosine- and threonine-specific cdc2-inhibitory kinase'
2 non-polymer 1-[6-(2-hydroxypropan-2-yl)pyridin-2-yl]-6-{[4-(4-methylpiperazin-1-yl)phenyl]amino}-2-(prop-2-en-1-yl)-1,2-dihydro-3H-pyrazolo[3,4-d]pyrimidin-3-one
3 non-polymer DI(HYDROXYETHYL)ETHER
4 water water
#
_entity_poly.entity_id   1
_entity_poly.type   'polypeptide(L)'
_entity_poly.pdbx_seq_one_letter_code
;MHHHHHHSSGVDLGTENLYFQSMHQLQPRRVSFRGEASETLQSPGYDPSRPESFFQQSFQRLSRLGHGSYGEVFKVRSKE
DGRLYAVKRSMSPFRGPKDRARKLAEVGSHEKVGQHPCCVRLEQAWEEGGILYLQTELCGPSLQQHCEAWGASLPEAQVW
GYLRDTLLALAHLHSQGLVHLDVKPANIFLGPRGRCKLGDFGLLVELGTAGAGEVQEGDPRYMAPELLQGSYGTAADVFS
LGLTILEVACNMELPHGGEGWQQLRQGYLPPEFTAGLSSELRSVLVMMLEPDPKLRATAEALLALPVLRQP
;
_entity_poly.pdbx_strand_id   A
#
loop_
_chem_comp.id
_chem_comp.type
_chem_comp.name
_chem_comp.formula
8X7 non-polymer 1-[6-(2-hydroxypropan-2-yl)pyridin-2-yl]-6-{[4-(4-methylpiperazin-1-yl)phenyl]amino}-2-(prop-2-en-1-yl)-1,2-dihydro-3H-pyrazolo[3,4-d]pyrimidin-3-one 'C27 H32 N8 O2'
PEG non-polymer DI(HYDROXYETHYL)ETHER 'C4 H10 O3'
#
# COMPACT_ATOMS: atom_id res chain seq x y z
N LEU A 13 -6.08 -10.27 21.69
CA LEU A 13 -6.79 -9.46 22.66
C LEU A 13 -5.95 -9.32 23.94
N GLY A 14 -6.02 -8.15 24.54
CA GLY A 14 -5.14 -7.80 25.65
C GLY A 14 -5.57 -8.32 27.00
N THR A 15 -6.72 -8.99 27.05
CA THR A 15 -7.24 -9.51 28.32
C THR A 15 -7.19 -11.03 28.38
N GLU A 16 -6.53 -11.64 27.40
CA GLU A 16 -6.44 -13.09 27.31
C GLU A 16 -5.12 -13.62 27.86
N ASN A 17 -5.09 -14.91 28.20
CA ASN A 17 -3.90 -15.52 28.77
C ASN A 17 -2.95 -16.06 27.70
N LEU A 18 -2.43 -15.17 26.87
CA LEU A 18 -1.45 -15.54 25.84
C LEU A 18 -0.25 -14.59 25.92
N TYR A 19 -0.09 -13.95 27.07
CA TYR A 19 1.03 -13.07 27.32
C TYR A 19 2.20 -13.85 27.91
N PHE A 20 3.40 -13.50 27.48
CA PHE A 20 4.63 -14.07 28.01
C PHE A 20 4.71 -15.56 27.69
N LEU A 26 11.61 -19.55 19.05
CA LEU A 26 10.67 -19.99 18.02
C LEU A 26 11.31 -19.93 16.63
N GLN A 27 11.38 -21.08 15.98
CA GLN A 27 11.96 -21.19 14.64
C GLN A 27 10.85 -21.06 13.58
N PRO A 28 11.22 -20.99 12.28
CA PRO A 28 10.31 -20.43 11.27
C PRO A 28 8.94 -21.11 11.17
N ARG A 29 7.92 -20.32 10.85
CA ARG A 29 6.56 -20.79 10.70
C ARG A 29 5.82 -19.98 9.65
N ARG A 30 5.28 -20.65 8.64
CA ARG A 30 4.58 -19.98 7.55
C ARG A 30 3.30 -19.31 8.04
N VAL A 31 3.16 -18.02 7.74
CA VAL A 31 1.94 -17.28 8.07
C VAL A 31 0.98 -17.31 6.89
N SER A 32 -0.23 -17.79 7.14
CA SER A 32 -1.26 -17.84 6.10
C SER A 32 -2.63 -18.03 6.71
N PHE A 33 -3.61 -17.33 6.13
CA PHE A 33 -5.01 -17.48 6.50
C PHE A 33 -5.71 -18.30 5.42
N ARG A 34 -4.89 -18.95 4.58
CA ARG A 34 -5.36 -19.85 3.52
C ARG A 34 -4.20 -20.72 3.03
N GLY A 35 -3.95 -21.84 3.72
CA GLY A 35 -2.84 -22.70 3.38
C GLY A 35 -3.07 -24.17 3.70
N GLU A 36 -2.08 -24.78 4.35
CA GLU A 36 -2.15 -26.20 4.68
C GLU A 36 -1.27 -26.54 5.89
N ALA A 37 -1.24 -27.81 6.25
CA ALA A 37 -0.47 -28.27 7.41
C ALA A 37 1.02 -27.96 7.24
N SER A 38 1.44 -27.66 6.02
CA SER A 38 2.82 -27.27 5.75
C SER A 38 3.10 -25.88 6.28
N GLU A 39 2.99 -25.70 7.60
CA GLU A 39 3.40 -24.46 8.23
C GLU A 39 4.93 -24.42 8.31
N THR A 40 5.55 -25.57 8.02
CA THR A 40 7.00 -25.70 8.01
C THR A 40 7.57 -25.25 6.68
N LEU A 41 8.61 -24.42 6.75
CA LEU A 41 9.30 -23.95 5.56
C LEU A 41 10.47 -24.85 5.19
N GLN A 42 10.75 -24.90 3.90
CA GLN A 42 11.91 -25.60 3.39
C GLN A 42 12.42 -24.81 2.19
N SER A 43 13.71 -24.94 1.91
CA SER A 43 14.32 -24.23 0.78
C SER A 43 15.73 -24.75 0.54
N PRO A 44 16.20 -24.70 -0.72
CA PRO A 44 17.63 -24.87 -0.93
C PRO A 44 18.41 -23.86 -0.10
N GLY A 45 19.53 -24.29 0.49
CA GLY A 45 20.32 -23.42 1.33
C GLY A 45 19.92 -23.43 2.79
N TYR A 46 18.72 -23.94 3.10
CA TYR A 46 18.21 -23.90 4.48
C TYR A 46 18.31 -25.24 5.21
N ASP A 47 19.02 -25.20 6.34
CA ASP A 47 19.08 -26.32 7.28
C ASP A 47 18.56 -25.83 8.64
N PRO A 48 17.47 -26.44 9.13
CA PRO A 48 16.91 -26.01 10.42
C PRO A 48 17.88 -26.10 11.60
N SER A 49 18.84 -27.03 11.54
CA SER A 49 19.75 -27.24 12.67
C SER A 49 20.88 -26.20 12.70
N ARG A 50 21.06 -25.47 11.60
CA ARG A 50 22.02 -24.37 11.58
C ARG A 50 21.42 -23.16 12.29
N PRO A 51 22.26 -22.38 13.00
CA PRO A 51 21.72 -21.28 13.82
C PRO A 51 21.11 -20.12 13.03
N GLU A 52 21.52 -19.90 11.78
CA GLU A 52 21.04 -18.77 11.01
C GLU A 52 19.54 -18.90 10.71
N SER A 53 18.86 -17.77 10.58
CA SER A 53 17.44 -17.75 10.33
C SER A 53 17.13 -18.23 8.92
N PHE A 54 15.88 -18.58 8.69
CA PHE A 54 15.42 -19.01 7.37
C PHE A 54 15.69 -17.91 6.32
N PHE A 55 15.48 -16.65 6.71
CA PHE A 55 15.72 -15.52 5.82
C PHE A 55 17.18 -15.44 5.39
N GLN A 56 18.09 -15.57 6.35
CA GLN A 56 19.52 -15.52 6.06
C GLN A 56 19.94 -16.68 5.15
N GLN A 57 19.41 -17.86 5.42
CA GLN A 57 19.86 -19.07 4.73
C GLN A 57 19.24 -19.26 3.35
N SER A 58 18.04 -18.74 3.14
CA SER A 58 17.24 -19.06 1.96
C SER A 58 17.22 -17.95 0.90
N PHE A 59 17.93 -16.86 1.16
CA PHE A 59 17.92 -15.71 0.27
C PHE A 59 19.27 -15.03 0.16
N GLN A 60 19.62 -14.56 -1.04
CA GLN A 60 20.70 -13.61 -1.21
C GLN A 60 20.16 -12.21 -0.93
N ARG A 61 20.78 -11.49 -0.01
CA ARG A 61 20.36 -10.12 0.29
C ARG A 61 21.14 -9.15 -0.60
N LEU A 62 20.43 -8.52 -1.54
CA LEU A 62 21.09 -7.71 -2.55
C LEU A 62 21.18 -6.24 -2.17
N SER A 63 20.07 -5.66 -1.70
CA SER A 63 20.07 -4.26 -1.27
C SER A 63 18.89 -3.95 -0.35
N ARG A 64 18.95 -2.80 0.30
CA ARG A 64 17.84 -2.31 1.13
C ARG A 64 17.01 -1.31 0.33
N LEU A 65 15.80 -1.72 -0.04
CA LEU A 65 14.91 -0.90 -0.84
C LEU A 65 14.36 0.27 -0.04
N GLY A 66 14.06 0.04 1.23
CA GLY A 66 13.54 1.08 2.09
C GLY A 66 13.61 0.70 3.56
N HIS A 67 13.36 1.67 4.42
CA HIS A 67 13.35 1.42 5.85
C HIS A 67 12.51 2.47 6.59
N GLY A 68 12.13 2.14 7.81
CA GLY A 68 11.30 3.01 8.63
C GLY A 68 11.00 2.34 9.96
N SER A 69 10.07 2.91 10.70
CA SER A 69 9.71 2.39 12.02
C SER A 69 9.21 0.95 11.96
N TYR A 70 8.62 0.58 10.83
CA TYR A 70 8.10 -0.77 10.63
C TYR A 70 9.22 -1.81 10.55
N GLY A 71 10.41 -1.37 10.15
CA GLY A 71 11.51 -2.28 9.88
C GLY A 71 12.22 -1.92 8.58
N GLU A 72 12.43 -2.93 7.73
CA GLU A 72 13.22 -2.77 6.50
C GLU A 72 12.62 -3.58 5.35
N VAL A 73 12.80 -3.09 4.13
CA VAL A 73 12.49 -3.88 2.95
C VAL A 73 13.77 -4.13 2.13
N PHE A 74 14.03 -5.40 1.85
CA PHE A 74 15.21 -5.78 1.08
C PHE A 74 14.83 -6.28 -0.31
N LYS A 75 15.68 -6.01 -1.28
CA LYS A 75 15.62 -6.71 -2.56
C LYS A 75 16.44 -7.99 -2.41
N VAL A 76 15.84 -9.11 -2.75
CA VAL A 76 16.47 -10.40 -2.52
C VAL A 76 16.35 -11.28 -3.75
N ARG A 77 17.27 -12.24 -3.87
CA ARG A 77 17.13 -13.33 -4.82
C ARG A 77 16.85 -14.62 -4.06
N SER A 78 15.75 -15.29 -4.40
CA SER A 78 15.38 -16.52 -3.73
C SER A 78 16.24 -17.69 -4.18
N LYS A 79 16.73 -18.46 -3.22
CA LYS A 79 17.50 -19.65 -3.54
C LYS A 79 16.57 -20.76 -4.03
N GLU A 80 15.27 -20.60 -3.77
CA GLU A 80 14.28 -21.57 -4.22
C GLU A 80 14.17 -21.60 -5.75
N ASP A 81 13.94 -20.43 -6.35
CA ASP A 81 13.70 -20.36 -7.79
C ASP A 81 14.66 -19.42 -8.52
N GLY A 82 15.47 -18.67 -7.78
CA GLY A 82 16.43 -17.78 -8.39
C GLY A 82 15.83 -16.46 -8.85
N ARG A 83 14.56 -16.25 -8.55
CA ARG A 83 13.87 -15.01 -8.93
C ARG A 83 14.07 -13.93 -7.88
N LEU A 84 13.86 -12.67 -8.30
CA LEU A 84 13.98 -11.52 -7.40
C LEU A 84 12.67 -11.27 -6.65
N TYR A 85 12.78 -10.87 -5.39
CA TYR A 85 11.62 -10.48 -4.59
C TYR A 85 11.94 -9.31 -3.69
N ALA A 86 10.90 -8.75 -3.09
CA ALA A 86 11.03 -7.81 -2.00
C ALA A 86 10.61 -8.51 -0.72
N VAL A 87 11.44 -8.42 0.32
CA VAL A 87 11.08 -8.95 1.62
C VAL A 87 11.05 -7.82 2.63
N LYS A 88 9.89 -7.62 3.25
CA LYS A 88 9.76 -6.68 4.34
C LYS A 88 9.95 -7.43 5.65
N ARG A 89 10.90 -6.97 6.46
CA ARG A 89 11.21 -7.59 7.74
C ARG A 89 10.89 -6.61 8.86
N SER A 90 10.15 -7.06 9.86
CA SER A 90 9.75 -6.17 10.94
C SER A 90 10.94 -5.78 11.81
N MET A 91 10.84 -4.65 12.48
CA MET A 91 11.97 -4.04 13.16
C MET A 91 12.51 -4.88 14.31
N SER A 92 11.62 -5.36 15.17
CA SER A 92 12.04 -6.13 16.33
C SER A 92 10.95 -7.13 16.73
N PRO A 93 11.24 -8.02 17.68
CA PRO A 93 10.27 -9.05 18.10
C PRO A 93 8.93 -8.46 18.52
N PHE A 94 7.83 -9.18 18.28
CA PHE A 94 6.50 -8.71 18.65
C PHE A 94 6.46 -8.21 20.07
N ARG A 95 5.80 -7.07 20.29
CA ARG A 95 5.64 -6.52 21.63
C ARG A 95 4.73 -7.41 22.49
N GLY A 96 3.90 -8.19 21.81
CA GLY A 96 2.89 -9.01 22.47
C GLY A 96 1.82 -9.42 21.48
N PRO A 97 0.75 -10.07 21.97
CA PRO A 97 -0.28 -10.66 21.10
C PRO A 97 -0.98 -9.64 20.19
N LYS A 98 -1.30 -8.46 20.71
CA LYS A 98 -1.99 -7.45 19.91
C LYS A 98 -1.08 -6.92 18.80
N ASP A 99 0.17 -6.63 19.17
CA ASP A 99 1.17 -6.23 18.18
C ASP A 99 1.28 -7.29 17.09
N ARG A 100 1.34 -8.56 17.51
CA ARG A 100 1.46 -9.67 16.57
C ARG A 100 0.25 -9.76 15.65
N ALA A 101 -0.94 -9.69 16.23
CA ALA A 101 -2.17 -9.78 15.45
C ALA A 101 -2.27 -8.64 14.44
N ARG A 102 -1.82 -7.46 14.87
CA ARG A 102 -1.84 -6.29 14.01
C ARG A 102 -0.94 -6.47 12.79
N LYS A 103 0.30 -6.92 13.02
CA LYS A 103 1.26 -7.12 11.93
C LYS A 103 0.85 -8.28 11.02
N LEU A 104 0.38 -9.37 11.62
CA LEU A 104 -0.05 -10.53 10.85
C LEU A 104 -1.27 -10.21 9.98
N ALA A 105 -2.03 -9.18 10.37
CA ALA A 105 -3.21 -8.79 9.63
C ALA A 105 -2.87 -8.32 8.22
N GLU A 106 -1.65 -7.82 8.03
CA GLU A 106 -1.21 -7.39 6.71
C GLU A 106 -1.23 -8.56 5.74
N VAL A 107 -0.83 -9.73 6.23
CA VAL A 107 -0.81 -10.94 5.41
C VAL A 107 -2.23 -11.29 5.00
N GLY A 108 -3.15 -11.26 5.97
CA GLY A 108 -4.55 -11.57 5.70
C GLY A 108 -5.15 -10.58 4.73
N SER A 109 -4.85 -9.30 4.93
CA SER A 109 -5.27 -8.25 4.00
C SER A 109 -4.77 -8.54 2.60
N HIS A 110 -3.47 -8.77 2.48
CA HIS A 110 -2.82 -9.06 1.21
C HIS A 110 -3.47 -10.24 0.49
N GLU A 111 -3.97 -11.20 1.27
CA GLU A 111 -4.57 -12.40 0.70
C GLU A 111 -6.01 -12.15 0.23
N LYS A 112 -6.75 -11.34 0.97
CA LYS A 112 -8.12 -11.02 0.58
C LYS A 112 -8.14 -10.25 -0.74
N VAL A 113 -7.12 -9.42 -0.98
CA VAL A 113 -6.95 -8.78 -2.27
C VAL A 113 -6.83 -9.87 -3.33
N GLY A 114 -5.95 -10.83 -3.06
CA GLY A 114 -5.73 -11.93 -3.98
C GLY A 114 -4.86 -11.51 -5.14
N GLN A 115 -5.02 -12.19 -6.27
CA GLN A 115 -4.25 -11.89 -7.47
C GLN A 115 -5.03 -10.98 -8.42
N HIS A 116 -4.58 -9.73 -8.49
CA HIS A 116 -5.15 -8.73 -9.40
C HIS A 116 -3.99 -8.01 -10.08
N PRO A 117 -4.05 -7.84 -11.42
CA PRO A 117 -2.92 -7.30 -12.18
C PRO A 117 -2.40 -5.93 -11.71
N CYS A 118 -3.19 -5.19 -10.93
CA CYS A 118 -2.79 -3.88 -10.45
C CYS A 118 -2.55 -3.86 -8.95
N CYS A 119 -2.42 -5.04 -8.35
CA CYS A 119 -2.07 -5.16 -6.95
C CYS A 119 -0.83 -6.03 -6.78
N VAL A 120 0.08 -5.59 -5.91
CA VAL A 120 1.31 -6.33 -5.60
C VAL A 120 0.98 -7.71 -5.05
N ARG A 121 1.49 -8.74 -5.71
CA ARG A 121 1.24 -10.12 -5.30
C ARG A 121 2.11 -10.53 -4.10
N LEU A 122 1.49 -11.17 -3.12
CA LEU A 122 2.20 -11.76 -1.99
C LEU A 122 2.62 -13.17 -2.37
N GLU A 123 3.92 -13.46 -2.31
CA GLU A 123 4.42 -14.80 -2.61
C GLU A 123 4.30 -15.71 -1.40
N GLN A 124 4.89 -15.30 -0.29
CA GLN A 124 4.74 -16.01 0.98
C GLN A 124 5.09 -15.12 2.16
N ALA A 125 4.78 -15.63 3.35
CA ALA A 125 5.02 -14.90 4.60
C ALA A 125 5.29 -15.90 5.70
N TRP A 126 6.16 -15.52 6.63
CA TRP A 126 6.51 -16.39 7.75
C TRP A 126 6.99 -15.57 8.93
N GLU A 127 6.91 -16.17 10.12
CA GLU A 127 7.45 -15.56 11.33
C GLU A 127 8.54 -16.45 11.92
N GLU A 128 9.57 -15.81 12.47
CA GLU A 128 10.63 -16.51 13.17
C GLU A 128 11.23 -15.60 14.23
N GLY A 129 11.36 -16.11 15.45
CA GLY A 129 11.90 -15.32 16.54
C GLY A 129 11.15 -14.04 16.78
N GLY A 130 9.85 -14.07 16.56
CA GLY A 130 9.01 -12.89 16.78
C GLY A 130 9.09 -11.86 15.68
N ILE A 131 9.83 -12.17 14.62
CA ILE A 131 9.98 -11.28 13.48
C ILE A 131 9.06 -11.74 12.36
N LEU A 132 8.36 -10.81 11.72
CA LEU A 132 7.51 -11.12 10.57
C LEU A 132 8.19 -10.78 9.26
N TYR A 133 8.10 -11.68 8.32
CA TYR A 133 8.67 -11.52 6.98
C TYR A 133 7.59 -11.64 5.92
N LEU A 134 7.54 -10.65 5.05
CA LEU A 134 6.59 -10.60 3.97
C LEU A 134 7.28 -10.56 2.62
N GLN A 135 7.15 -11.62 1.85
CA GLN A 135 7.77 -11.74 0.55
C GLN A 135 6.79 -11.45 -0.58
N THR A 136 7.01 -10.36 -1.29
CA THR A 136 6.18 -9.99 -2.41
C THR A 136 6.95 -9.92 -3.71
N GLU A 137 6.22 -9.90 -4.83
CA GLU A 137 6.83 -9.74 -6.14
C GLU A 137 7.61 -8.44 -6.18
N LEU A 138 8.78 -8.45 -6.77
CA LEU A 138 9.57 -7.24 -6.91
C LEU A 138 9.05 -6.42 -8.10
N CYS A 139 8.45 -5.28 -7.80
CA CYS A 139 8.04 -4.31 -8.81
C CYS A 139 9.12 -3.25 -8.98
N GLY A 140 8.86 -2.28 -9.85
CA GLY A 140 9.76 -1.15 -10.00
C GLY A 140 9.60 -0.20 -8.83
N PRO A 141 10.37 0.91 -8.83
CA PRO A 141 10.32 1.89 -7.75
C PRO A 141 8.93 2.46 -7.52
N SER A 142 8.69 2.98 -6.33
CA SER A 142 7.43 3.65 -6.04
C SER A 142 7.34 4.90 -6.89
N LEU A 143 6.13 5.44 -7.03
CA LEU A 143 5.93 6.68 -7.78
C LEU A 143 6.70 7.83 -7.12
N GLN A 144 6.80 7.79 -5.80
CA GLN A 144 7.54 8.81 -5.07
C GLN A 144 9.01 8.81 -5.46
N GLN A 145 9.60 7.63 -5.52
CA GLN A 145 10.99 7.49 -5.88
C GLN A 145 11.20 7.93 -7.31
N HIS A 146 10.28 7.57 -8.16
CA HIS A 146 10.33 7.91 -9.57
C HIS A 146 10.29 9.42 -9.79
N CYS A 147 9.39 10.11 -9.09
CA CYS A 147 9.29 11.56 -9.18
C CYS A 147 10.57 12.22 -8.69
N GLU A 148 11.17 11.63 -7.66
CA GLU A 148 12.39 12.17 -7.07
C GLU A 148 13.56 12.03 -8.03
N ALA A 149 13.61 10.91 -8.73
CA ALA A 149 14.63 10.67 -9.75
C ALA A 149 14.39 11.55 -10.97
N TRP A 150 13.13 11.87 -11.22
CA TRP A 150 12.75 12.67 -12.37
C TRP A 150 13.09 14.14 -12.12
N GLY A 151 13.00 14.56 -10.87
CA GLY A 151 13.34 15.93 -10.49
C GLY A 151 12.33 16.96 -10.96
N ALA A 152 11.17 16.49 -11.42
CA ALA A 152 10.15 17.39 -11.95
C ALA A 152 8.82 16.67 -12.09
N SER A 153 7.82 17.41 -12.57
CA SER A 153 6.51 16.87 -12.88
C SER A 153 6.62 15.68 -13.85
N LEU A 154 5.79 14.66 -13.64
CA LEU A 154 5.71 13.56 -14.60
C LEU A 154 4.85 13.97 -15.78
N PRO A 155 5.22 13.54 -17.00
CA PRO A 155 4.38 13.82 -18.17
C PRO A 155 2.96 13.26 -18.00
N GLU A 156 1.96 14.01 -18.46
CA GLU A 156 0.57 13.61 -18.24
C GLU A 156 0.25 12.27 -18.91
N ALA A 157 0.89 12.00 -20.03
CA ALA A 157 0.73 10.71 -20.71
C ALA A 157 0.90 9.55 -19.74
N GLN A 158 1.93 9.61 -18.91
CA GLN A 158 2.19 8.57 -17.92
C GLN A 158 1.16 8.61 -16.79
N VAL A 159 0.89 9.81 -16.28
CA VAL A 159 0.00 9.99 -15.13
C VAL A 159 -1.38 9.42 -15.40
N TRP A 160 -1.89 9.60 -16.62
CA TRP A 160 -3.18 9.03 -16.98
C TRP A 160 -3.15 7.52 -16.80
N GLY A 161 -2.00 6.92 -17.09
CA GLY A 161 -1.83 5.49 -16.97
C GLY A 161 -1.80 5.03 -15.52
N TYR A 162 -1.09 5.78 -14.68
CA TYR A 162 -0.99 5.47 -13.26
C TYR A 162 -2.35 5.62 -12.57
N LEU A 163 -3.05 6.68 -12.93
CA LEU A 163 -4.38 6.94 -12.41
C LEU A 163 -5.32 5.78 -12.68
N ARG A 164 -5.33 5.32 -13.93
CA ARG A 164 -6.24 4.26 -14.34
C ARG A 164 -5.94 2.93 -13.64
N ASP A 165 -4.66 2.55 -13.60
CA ASP A 165 -4.26 1.30 -12.95
C ASP A 165 -4.64 1.28 -11.47
N THR A 166 -4.36 2.37 -10.78
CA THR A 166 -4.63 2.45 -9.36
C THR A 166 -6.14 2.52 -9.11
N LEU A 167 -6.87 3.12 -10.04
CA LEU A 167 -8.33 3.13 -9.96
C LEU A 167 -8.88 1.71 -10.12
N LEU A 168 -8.23 0.91 -10.96
CA LEU A 168 -8.65 -0.47 -11.17
C LEU A 168 -8.41 -1.29 -9.90
N ALA A 169 -7.31 -1.00 -9.21
CA ALA A 169 -6.99 -1.66 -7.95
C ALA A 169 -8.00 -1.25 -6.88
N LEU A 170 -8.31 0.04 -6.82
CA LEU A 170 -9.26 0.54 -5.83
C LEU A 170 -10.65 -0.03 -6.11
N ALA A 171 -11.02 -0.13 -7.37
CA ALA A 171 -12.30 -0.73 -7.74
C ALA A 171 -12.39 -2.17 -7.21
N HIS A 172 -11.29 -2.89 -7.35
CA HIS A 172 -11.19 -4.27 -6.86
C HIS A 172 -11.36 -4.34 -5.35
N LEU A 173 -10.56 -3.56 -4.62
CA LEU A 173 -10.64 -3.52 -3.16
C LEU A 173 -12.05 -3.15 -2.68
N HIS A 174 -12.62 -2.13 -3.29
CA HIS A 174 -13.90 -1.59 -2.83
C HIS A 174 -15.08 -2.51 -3.15
N SER A 175 -14.92 -3.36 -4.17
CA SER A 175 -15.92 -4.34 -4.50
C SER A 175 -16.12 -5.32 -3.35
N GLN A 176 -15.02 -5.64 -2.66
CA GLN A 176 -15.06 -6.58 -1.54
C GLN A 176 -15.20 -5.89 -0.20
N GLY A 177 -15.57 -4.60 -0.23
CA GLY A 177 -15.76 -3.84 0.98
C GLY A 177 -14.46 -3.60 1.75
N LEU A 178 -13.36 -3.49 1.01
CA LEU A 178 -12.06 -3.23 1.62
C LEU A 178 -11.65 -1.77 1.40
N VAL A 179 -11.06 -1.18 2.42
CA VAL A 179 -10.52 0.18 2.33
C VAL A 179 -9.03 0.16 2.67
N HIS A 180 -8.21 0.70 1.77
CA HIS A 180 -6.75 0.69 1.92
C HIS A 180 -6.27 1.64 3.02
N LEU A 181 -6.81 2.85 3.00
CA LEU A 181 -6.58 3.89 4.03
C LEU A 181 -5.16 4.43 4.10
N ASP A 182 -4.31 4.11 3.13
CA ASP A 182 -2.99 4.72 3.07
C ASP A 182 -2.44 4.78 1.65
N VAL A 183 -3.30 5.08 0.69
CA VAL A 183 -2.86 5.26 -0.68
C VAL A 183 -2.01 6.53 -0.78
N LYS A 184 -0.81 6.38 -1.34
CA LYS A 184 0.14 7.48 -1.45
C LYS A 184 1.18 7.14 -2.50
N PRO A 185 1.96 8.14 -2.94
CA PRO A 185 2.98 7.87 -3.95
C PRO A 185 3.98 6.80 -3.53
N ALA A 186 4.20 6.66 -2.23
CA ALA A 186 5.25 5.77 -1.72
C ALA A 186 4.90 4.29 -1.82
N ASN A 187 3.63 3.97 -2.03
CA ASN A 187 3.24 2.56 -2.14
C ASN A 187 2.46 2.23 -3.41
N ILE A 188 2.66 3.02 -4.45
CA ILE A 188 2.26 2.63 -5.80
C ILE A 188 3.54 2.42 -6.60
N PHE A 189 3.75 1.18 -7.02
CA PHE A 189 5.00 0.76 -7.64
C PHE A 189 4.90 0.59 -9.16
N LEU A 190 5.91 1.09 -9.85
CA LEU A 190 5.98 0.99 -11.30
C LEU A 190 6.11 -0.43 -11.80
N GLY A 191 5.44 -0.70 -12.92
CA GLY A 191 5.64 -1.94 -13.66
C GLY A 191 6.26 -1.59 -15.01
N PRO A 192 6.67 -2.63 -15.78
CA PRO A 192 7.14 -2.39 -17.14
C PRO A 192 6.11 -1.71 -18.06
N ARG A 193 6.61 -0.92 -19.00
CA ARG A 193 5.80 -0.31 -20.05
C ARG A 193 4.63 0.53 -19.52
N GLY A 194 4.89 1.28 -18.45
CA GLY A 194 3.95 2.31 -18.00
C GLY A 194 2.94 1.90 -16.95
N ARG A 195 2.86 0.62 -16.62
CA ARG A 195 1.89 0.15 -15.63
C ARG A 195 2.35 0.46 -14.21
N CYS A 196 1.48 0.21 -13.24
CA CYS A 196 1.86 0.30 -11.83
C CYS A 196 0.92 -0.52 -10.95
N LYS A 197 1.39 -0.80 -9.72
CA LYS A 197 0.66 -1.66 -8.79
C LYS A 197 0.55 -1.02 -7.42
N LEU A 198 -0.62 -1.18 -6.80
CA LEU A 198 -0.84 -0.72 -5.43
C LEU A 198 -0.39 -1.81 -4.45
N GLY A 199 0.28 -1.40 -3.38
CA GLY A 199 0.75 -2.35 -2.38
C GLY A 199 0.62 -1.78 -0.97
N ASP A 200 1.40 -2.33 -0.04
CA ASP A 200 1.45 -1.81 1.32
C ASP A 200 0.09 -1.87 1.99
N PHE A 201 -0.42 -3.09 2.19
CA PHE A 201 -1.79 -3.29 2.65
C PHE A 201 -1.89 -3.40 4.18
N GLY A 202 -0.96 -2.76 4.89
CA GLY A 202 -0.89 -2.89 6.34
C GLY A 202 -2.00 -2.18 7.10
N LEU A 203 -2.58 -1.14 6.49
CA LEU A 203 -3.62 -0.36 7.17
C LEU A 203 -5.01 -0.69 6.63
N LEU A 204 -5.07 -1.62 5.67
CA LEU A 204 -6.34 -1.96 5.02
C LEU A 204 -7.36 -2.53 6.01
N VAL A 205 -8.59 -2.02 5.95
CA VAL A 205 -9.69 -2.53 6.77
C VAL A 205 -10.81 -3.12 5.93
N GLU A 206 -11.47 -4.14 6.47
CA GLU A 206 -12.68 -4.70 5.87
C GLU A 206 -13.88 -4.09 6.59
N LEU A 207 -14.68 -3.32 5.85
CA LEU A 207 -15.83 -2.64 6.45
C LEU A 207 -16.85 -3.65 6.99
N GLY A 208 -17.35 -3.38 8.20
CA GLY A 208 -18.34 -4.24 8.83
C GLY A 208 -17.74 -5.51 9.41
N THR A 209 -16.42 -5.52 9.55
CA THR A 209 -15.70 -6.60 10.22
C THR A 209 -14.84 -5.96 11.31
N ALA A 210 -15.05 -6.40 12.54
CA ALA A 210 -14.48 -5.75 13.72
C ALA A 210 -15.01 -4.33 13.79
N GLY A 211 -16.30 -4.20 14.09
CA GLY A 211 -16.99 -2.92 14.06
C GLY A 211 -16.70 -2.03 15.24
N ALA A 212 -16.27 -2.62 16.36
CA ALA A 212 -15.89 -1.84 17.53
C ALA A 212 -14.62 -1.06 17.24
N GLY A 213 -13.73 -1.67 16.45
CA GLY A 213 -12.50 -1.04 16.03
C GLY A 213 -12.71 -0.25 14.75
N GLU A 214 -11.69 -0.11 13.90
CA GLU A 214 -10.37 -0.71 14.12
C GLU A 214 -9.25 0.03 13.39
N VAL A 215 -9.55 1.24 12.91
CA VAL A 215 -8.59 1.99 12.13
C VAL A 215 -7.41 2.60 12.87
N GLN A 216 -6.23 2.49 12.25
CA GLN A 216 -5.17 3.45 12.48
C GLN A 216 -5.20 4.37 11.27
N GLU A 217 -4.48 5.48 11.34
CA GLU A 217 -4.61 6.51 10.34
C GLU A 217 -3.41 6.55 9.39
N GLY A 218 -3.69 6.77 8.11
CA GLY A 218 -2.66 6.84 7.09
C GLY A 218 -1.86 8.10 7.19
N ASP A 219 -1.06 8.38 6.18
CA ASP A 219 -0.23 9.57 6.14
C ASP A 219 -1.15 10.80 6.07
N PRO A 220 -0.93 11.78 6.96
CA PRO A 220 -1.83 12.95 7.04
C PRO A 220 -1.91 13.79 5.78
N ARG A 221 -0.89 13.71 4.93
CA ARG A 221 -0.87 14.51 3.71
C ARG A 221 -1.96 14.07 2.74
N TYR A 222 -2.32 12.79 2.80
CA TYR A 222 -3.23 12.20 1.82
C TYR A 222 -4.56 11.79 2.44
N MET A 223 -4.77 12.19 3.69
CA MET A 223 -5.95 11.79 4.46
C MET A 223 -7.23 12.50 4.00
N ALA A 224 -8.28 11.71 3.78
CA ALA A 224 -9.58 12.27 3.42
C ALA A 224 -10.17 13.04 4.61
N PRO A 225 -10.84 14.17 4.34
CA PRO A 225 -11.27 15.05 5.43
C PRO A 225 -12.27 14.41 6.39
N GLU A 226 -13.10 13.49 5.89
CA GLU A 226 -14.11 12.86 6.73
C GLU A 226 -13.51 11.97 7.81
N LEU A 227 -12.24 11.61 7.67
CA LEU A 227 -11.61 10.68 8.61
C LEU A 227 -11.33 11.34 9.96
N LEU A 228 -11.16 12.66 9.98
CA LEU A 228 -11.01 13.39 11.23
C LEU A 228 -12.19 13.10 12.17
N GLN A 229 -13.36 12.87 11.60
CA GLN A 229 -14.57 12.57 12.37
C GLN A 229 -14.83 11.08 12.51
N GLY A 230 -13.79 10.27 12.33
CA GLY A 230 -13.91 8.82 12.45
C GLY A 230 -14.84 8.20 11.44
N SER A 231 -15.28 9.00 10.47
CA SER A 231 -16.16 8.52 9.41
C SER A 231 -15.33 8.03 8.23
N TYR A 232 -15.35 6.71 8.00
CA TYR A 232 -14.59 6.15 6.88
C TYR A 232 -15.41 5.20 6.02
N GLY A 233 -15.05 5.16 4.75
CA GLY A 233 -15.68 4.34 3.74
C GLY A 233 -14.73 4.30 2.57
N THR A 234 -15.11 3.59 1.51
CA THR A 234 -14.24 3.45 0.36
C THR A 234 -13.88 4.79 -0.27
N ALA A 235 -14.74 5.79 -0.06
CA ALA A 235 -14.53 7.11 -0.64
C ALA A 235 -13.21 7.74 -0.20
N ALA A 236 -12.78 7.42 1.02
CA ALA A 236 -11.53 7.95 1.56
C ALA A 236 -10.34 7.62 0.66
N ASP A 237 -10.37 6.45 0.03
CA ASP A 237 -9.29 6.03 -0.85
C ASP A 237 -9.23 6.85 -2.14
N VAL A 238 -10.41 7.23 -2.65
CA VAL A 238 -10.47 8.02 -3.86
C VAL A 238 -9.84 9.38 -3.60
N PHE A 239 -10.15 9.99 -2.46
CA PHE A 239 -9.58 11.28 -2.12
C PHE A 239 -8.07 11.18 -2.01
N SER A 240 -7.59 10.13 -1.35
CA SER A 240 -6.14 9.91 -1.19
C SER A 240 -5.45 9.80 -2.53
N LEU A 241 -6.06 9.06 -3.45
CA LEU A 241 -5.49 8.91 -4.78
C LEU A 241 -5.53 10.24 -5.52
N GLY A 242 -6.58 11.02 -5.28
CA GLY A 242 -6.70 12.33 -5.88
C GLY A 242 -5.49 13.20 -5.57
N LEU A 243 -5.08 13.19 -4.30
CA LEU A 243 -3.95 14.00 -3.87
C LEU A 243 -2.62 13.36 -4.28
N THR A 244 -2.60 12.03 -4.38
CA THR A 244 -1.43 11.31 -4.86
C THR A 244 -1.09 11.78 -6.28
N ILE A 245 -2.11 11.81 -7.14
CA ILE A 245 -1.91 12.19 -8.54
C ILE A 245 -1.56 13.66 -8.65
N LEU A 246 -2.16 14.49 -7.80
CA LEU A 246 -1.86 15.91 -7.79
C LEU A 246 -0.36 16.12 -7.50
N GLU A 247 0.15 15.42 -6.50
CA GLU A 247 1.55 15.55 -6.09
C GLU A 247 2.51 15.19 -7.23
N VAL A 248 2.24 14.08 -7.90
CA VAL A 248 3.15 13.56 -8.91
C VAL A 248 2.99 14.29 -10.24
N ALA A 249 1.78 14.77 -10.51
CA ALA A 249 1.48 15.44 -11.78
C ALA A 249 1.93 16.89 -11.77
N CYS A 250 2.07 17.45 -10.56
CA CYS A 250 2.43 18.85 -10.40
C CYS A 250 3.76 19.05 -9.68
N ASN A 251 4.37 17.95 -9.25
CA ASN A 251 5.61 18.02 -8.48
C ASN A 251 5.40 18.90 -7.26
N MET A 252 4.29 18.65 -6.57
CA MET A 252 3.86 19.53 -5.48
C MET A 252 3.99 18.85 -4.12
N GLU A 253 4.69 19.50 -3.22
CA GLU A 253 4.79 19.07 -1.83
C GLU A 253 3.48 19.34 -1.11
N LEU A 254 2.87 18.28 -0.56
CA LEU A 254 1.60 18.41 0.16
C LEU A 254 1.83 18.68 1.64
N PRO A 255 1.03 19.59 2.23
CA PRO A 255 1.21 19.93 3.65
C PRO A 255 0.69 18.84 4.58
N HIS A 256 1.33 18.68 5.73
CA HIS A 256 0.87 17.75 6.76
C HIS A 256 -0.28 18.35 7.57
N GLY A 257 -0.33 19.68 7.59
CA GLY A 257 -1.37 20.38 8.32
C GLY A 257 -1.41 21.86 7.98
N GLY A 258 -2.01 22.66 8.85
CA GLY A 258 -2.07 24.10 8.66
C GLY A 258 -3.08 24.53 7.61
N GLU A 259 -3.04 25.81 7.25
CA GLU A 259 -3.99 26.41 6.32
C GLU A 259 -4.06 25.64 5.00
N GLY A 260 -2.90 25.27 4.46
CA GLY A 260 -2.83 24.58 3.18
C GLY A 260 -3.51 23.22 3.20
N TRP A 261 -3.37 22.53 4.32
CA TRP A 261 -4.02 21.23 4.50
C TRP A 261 -5.54 21.38 4.42
N GLN A 262 -6.06 22.39 5.10
CA GLN A 262 -7.48 22.66 5.13
C GLN A 262 -8.01 23.03 3.74
N GLN A 263 -7.27 23.88 3.04
CA GLN A 263 -7.66 24.35 1.71
C GLN A 263 -7.83 23.22 0.68
N LEU A 264 -6.92 22.25 0.70
CA LEU A 264 -7.01 21.13 -0.24
C LEU A 264 -8.23 20.25 0.04
N ARG A 265 -8.77 20.39 1.25
CA ARG A 265 -9.98 19.67 1.63
C ARG A 265 -11.17 20.62 1.66
N GLN A 266 -11.10 21.66 0.83
CA GLN A 266 -12.19 22.61 0.65
C GLN A 266 -12.42 22.87 -0.84
N GLY A 267 -11.90 21.97 -1.68
CA GLY A 267 -12.13 22.05 -3.11
C GLY A 267 -11.25 23.08 -3.81
N TYR A 268 -10.17 23.49 -3.14
CA TYR A 268 -9.26 24.48 -3.69
C TYR A 268 -8.04 23.81 -4.32
N LEU A 269 -7.70 24.23 -5.53
CA LEU A 269 -6.50 23.76 -6.22
C LEU A 269 -5.57 24.94 -6.47
N PRO A 270 -4.39 24.96 -5.82
CA PRO A 270 -3.51 26.13 -5.90
C PRO A 270 -3.02 26.41 -7.33
N PRO A 271 -3.23 27.63 -7.85
CA PRO A 271 -2.85 27.91 -9.24
C PRO A 271 -1.35 27.83 -9.47
N GLU A 272 -0.56 28.06 -8.42
CA GLU A 272 0.89 28.17 -8.58
C GLU A 272 1.56 26.80 -8.73
N PHE A 273 0.76 25.75 -8.84
CA PHE A 273 1.28 24.40 -9.08
C PHE A 273 0.44 23.63 -10.10
N THR A 274 -0.82 24.02 -10.28
CA THR A 274 -1.76 23.25 -11.09
C THR A 274 -2.13 23.92 -12.40
N ALA A 275 -1.51 25.05 -12.72
CA ALA A 275 -1.80 25.74 -13.98
C ALA A 275 -1.35 24.90 -15.18
N GLY A 276 -0.41 24.00 -14.95
CA GLY A 276 0.13 23.16 -16.00
C GLY A 276 -0.69 21.93 -16.31
N LEU A 277 -1.76 21.73 -15.55
CA LEU A 277 -2.65 20.59 -15.80
C LEU A 277 -3.52 20.83 -17.02
N SER A 278 -3.80 19.77 -17.75
CA SER A 278 -4.81 19.82 -18.80
C SER A 278 -6.18 19.97 -18.14
N SER A 279 -7.13 20.57 -18.86
CA SER A 279 -8.50 20.72 -18.35
C SER A 279 -9.12 19.38 -18.02
N GLU A 280 -8.81 18.37 -18.82
CA GLU A 280 -9.40 17.05 -18.64
C GLU A 280 -8.90 16.38 -17.38
N LEU A 281 -7.62 16.55 -17.05
CA LEU A 281 -7.06 15.95 -15.84
C LEU A 281 -7.51 16.72 -14.60
N ARG A 282 -7.48 18.05 -14.68
CA ARG A 282 -7.97 18.89 -13.60
C ARG A 282 -9.40 18.52 -13.27
N SER A 283 -10.21 18.37 -14.31
CA SER A 283 -11.61 18.00 -14.17
C SER A 283 -11.78 16.70 -13.38
N VAL A 284 -10.92 15.72 -13.65
CA VAL A 284 -11.01 14.42 -13.00
C VAL A 284 -10.60 14.52 -11.54
N LEU A 285 -9.56 15.30 -11.27
CA LEU A 285 -9.09 15.49 -9.90
C LEU A 285 -10.15 16.17 -9.03
N VAL A 286 -10.88 17.12 -9.59
CA VAL A 286 -11.93 17.83 -8.86
C VAL A 286 -12.98 16.83 -8.35
N MET A 287 -13.33 15.85 -9.17
CA MET A 287 -14.29 14.83 -8.77
C MET A 287 -13.75 13.99 -7.62
N MET A 288 -12.45 13.72 -7.65
CA MET A 288 -11.83 12.86 -6.65
C MET A 288 -11.61 13.59 -5.33
N LEU A 289 -11.46 14.91 -5.39
CA LEU A 289 -11.15 15.71 -4.21
C LEU A 289 -12.38 16.37 -3.62
N GLU A 290 -13.56 15.95 -4.08
CA GLU A 290 -14.82 16.40 -3.51
C GLU A 290 -14.84 16.19 -1.99
N PRO A 291 -14.89 17.29 -1.21
CA PRO A 291 -14.85 17.18 0.26
C PRO A 291 -15.93 16.27 0.87
N ASP A 292 -17.15 16.32 0.35
CA ASP A 292 -18.24 15.50 0.88
C ASP A 292 -18.15 14.09 0.30
N PRO A 293 -17.87 13.07 1.13
CA PRO A 293 -17.67 11.73 0.60
C PRO A 293 -18.89 11.15 -0.13
N LYS A 294 -20.07 11.70 0.16
CA LYS A 294 -21.30 11.23 -0.47
C LYS A 294 -21.46 11.75 -1.89
N LEU A 295 -20.74 12.84 -2.21
CA LEU A 295 -20.77 13.41 -3.56
C LEU A 295 -19.53 12.99 -4.34
N ARG A 296 -18.51 12.54 -3.62
CA ARG A 296 -17.25 12.16 -4.25
C ARG A 296 -17.47 10.97 -5.17
N ALA A 297 -16.87 11.02 -6.35
CA ALA A 297 -17.03 9.97 -7.35
C ALA A 297 -16.46 8.65 -6.85
N THR A 298 -17.04 7.54 -7.30
CA THR A 298 -16.51 6.23 -7.01
C THR A 298 -15.47 5.85 -8.05
N ALA A 299 -14.65 4.84 -7.75
CA ALA A 299 -13.62 4.40 -8.68
C ALA A 299 -14.27 3.80 -9.93
N GLU A 300 -15.38 3.10 -9.72
CA GLU A 300 -16.13 2.51 -10.82
C GLU A 300 -16.69 3.59 -11.74
N ALA A 301 -17.16 4.69 -11.15
CA ALA A 301 -17.77 5.78 -11.91
C ALA A 301 -16.71 6.55 -12.67
N LEU A 302 -15.52 6.67 -12.09
CA LEU A 302 -14.41 7.36 -12.74
C LEU A 302 -13.94 6.59 -13.96
N LEU A 303 -13.84 5.27 -13.80
CA LEU A 303 -13.40 4.38 -14.86
C LEU A 303 -14.38 4.32 -16.03
N ALA A 304 -15.62 4.78 -15.80
CA ALA A 304 -16.64 4.77 -16.84
C ALA A 304 -16.55 5.99 -17.74
N LEU A 305 -15.80 6.99 -17.33
CA LEU A 305 -15.62 8.20 -18.13
C LEU A 305 -14.79 7.90 -19.38
N PRO A 306 -15.22 8.42 -20.55
CA PRO A 306 -14.45 8.26 -21.78
C PRO A 306 -12.95 8.54 -21.67
N VAL A 307 -12.55 9.44 -20.78
CA VAL A 307 -11.14 9.83 -20.68
C VAL A 307 -10.26 8.81 -19.94
N LEU A 308 -10.89 7.79 -19.36
CA LEU A 308 -10.16 6.81 -18.54
C LEU A 308 -10.38 5.34 -18.95
N ARG A 309 -11.11 5.11 -20.04
CA ARG A 309 -11.36 3.76 -20.50
C ARG A 309 -10.21 3.24 -21.37
N GLN A 310 -10.30 1.96 -21.73
CA GLN A 310 -9.36 1.30 -22.64
C GLN A 310 -7.89 1.64 -22.41
C01 8X7 B . 17.62 3.47 -3.82
N02 8X7 B . 16.42 3.10 -4.62
C03 8X7 B . 15.17 3.11 -3.81
C04 8X7 B . 13.95 2.83 -4.72
N05 8X7 B . 14.11 1.56 -5.42
C06 8X7 B . 15.32 1.56 -6.25
C07 8X7 B . 16.58 1.83 -5.39
C08 8X7 B . 13.12 0.58 -5.46
C09 8X7 B . 12.06 0.53 -4.51
C10 8X7 B . 11.06 -0.46 -4.55
C11 8X7 B . 11.07 -1.46 -5.54
N12 8X7 B . 10.16 -2.47 -5.68
C13 8X7 B . 9.26 -2.92 -4.76
N14 8X7 B . 8.44 -3.94 -5.13
C15 8X7 B . 7.51 -4.47 -4.29
C16 8X7 B . 7.40 -3.93 -3.00
C17 8X7 B . 6.58 -4.20 -1.88
O18 8X7 B . 5.65 -5.05 -1.71
N19 8X7 B . 6.98 -3.33 -0.92
C20 8X7 B . 6.37 -3.31 0.40
C21 8X7 B . 6.77 -4.54 1.06
C22 8X7 B . 5.90 -5.41 1.58
N23 8X7 B . 7.98 -2.56 -1.35
C24 8X7 B . 8.24 -2.91 -2.62
N25 8X7 B . 9.15 -2.43 -3.50
C26 8X7 B . 8.64 -1.54 -0.74
N27 8X7 B . 7.90 -0.76 0.08
C28 8X7 B . 8.35 0.33 0.76
C29 8X7 B . 9.71 0.69 0.60
C30 8X7 B . 10.52 -0.08 -0.25
C31 8X7 B . 9.99 -1.18 -0.94
C32 8X7 B . 7.40 1.06 1.65
C33 8X7 B . 7.21 0.31 3.00
C34 8X7 B . 6.03 1.19 0.93
O35 8X7 B . 7.88 2.37 1.94
C36 8X7 B . 12.11 -1.43 -6.49
C37 8X7 B . 13.09 -0.43 -6.45
H011 8X7 B . 18.43 3.25 -4.32
H013 8X7 B . 17.61 2.97 -2.97
H012 8X7 B . 17.61 4.43 -3.63
H031 8X7 B . 15.23 2.39 -3.13
H032 8X7 B . 15.06 3.98 -3.37
H041 8X7 B . 13.87 3.56 -5.38
H042 8X7 B . 13.14 2.81 -4.18
H061 8X7 B . 15.24 2.27 -6.94
H062 8X7 B . 15.39 0.69 -6.69
H072 8X7 B . 17.36 1.90 -5.98
H071 8X7 B . 16.72 1.08 -4.77
H091 8X7 B . 12.02 1.21 -3.80
H101 8X7 B . 10.36 -0.46 -3.87
H121 8X7 B . 10.15 -2.89 -6.49
H151 8X7 B . 6.92 -5.20 -4.58
H202 8X7 B . 6.69 -2.54 0.91
H201 8X7 B . 5.40 -3.28 0.31
H211 8X7 B . 7.73 -4.74 1.11
H221 8X7 B . 4.94 -5.24 1.53
H222 8X7 B . 6.23 -6.23 2.01
H291 8X7 B . 10.07 1.46 1.08
H301 8X7 B . 11.47 0.17 -0.37
H311 8X7 B . 10.56 -1.72 -1.54
H331 8X7 B . 8.06 0.24 3.46
H333 8X7 B . 6.56 0.80 3.55
H332 8X7 B . 6.85 -0.59 2.81
H342 8X7 B . 6.11 1.77 0.15
H341 8X7 B . 5.72 0.30 0.64
H343 8X7 B . 5.36 1.57 1.55
H351 8X7 B . 8.45 2.34 2.62
H361 8X7 B . 12.13 -2.11 -7.20
H371 8X7 B . 13.81 -0.44 -7.13
C1 PEG C . 22.09 -5.51 2.25
O1 PEG C . 22.31 -5.13 3.53
C2 PEG C . 22.78 -4.55 1.33
O2 PEG C . 22.27 -3.25 1.54
C3 PEG C . 23.04 -2.21 0.90
C4 PEG C . 22.29 -0.89 0.99
O4 PEG C . 21.21 -0.91 0.10
H11 PEG C . 22.43 -6.42 2.10
H12 PEG C . 21.09 -5.49 2.06
HO1 PEG C . 22.79 -4.43 3.53
H21 PEG C . 23.78 -4.55 1.53
H22 PEG C . 22.63 -4.82 0.36
H31 PEG C . 23.92 -2.12 1.32
H32 PEG C . 23.15 -2.45 -0.08
H41 PEG C . 21.96 -0.76 1.92
H42 PEG C . 22.90 -0.15 0.75
HO4 PEG C . 20.50 -0.48 0.49
#